data_6HTU
#
_entry.id   6HTU
#
_cell.length_a   105.886
_cell.length_b   105.886
_cell.length_c   169.221
_cell.angle_alpha   90.00
_cell.angle_beta   90.00
_cell.angle_gamma   90.00
#
_symmetry.space_group_name_H-M   'P 41 21 2'
#
loop_
_entity.id
_entity.type
_entity.pdbx_description
1 polymer 'RNA (19-MER)'
2 polymer 'RNA (19-MER)'
3 polymer 'Double-stranded RNA-binding protein Staufen homolog 1'
4 water water
#
loop_
_entity_poly.entity_id
_entity_poly.type
_entity_poly.pdbx_seq_one_letter_code
_entity_poly.pdbx_strand_id
1 'polyribonucleotide' GAGUGCCAGAAGCUGCCUC D
2 'polyribonucleotide' GAGGCAGUUUCUGGUACUC F
3 'polypeptide(L)'
;GHMNKSEISQVFEIALKRNLPVNFEVARESGPPHMKNFVTKVSVGEFVGEGEGKSKKISKKNAAIAVLEELKKLPPLPAV
ERVKPRIKKKTKPIVKPQTSPEYGQGINPISRLAQIQQAKKEKEPEYTLLTERGLPRRREFVMQVKVGNHTAEGTGTNKK
VAKRNAAENMLEILGFKVPQRQ
;
A,B,C
#
# COMPACT_ATOMS: atom_id res chain seq x y z
N HIS C 2 -8.36 -18.39 13.48
CA HIS C 2 -8.54 -18.87 12.11
C HIS C 2 -7.23 -18.79 11.35
N MET C 3 -6.83 -17.57 10.98
CA MET C 3 -5.58 -17.33 10.27
C MET C 3 -4.51 -16.86 11.25
N ASN C 4 -3.33 -17.43 11.13
CA ASN C 4 -2.23 -17.05 12.00
C ASN C 4 -1.66 -15.70 11.56
N LYS C 5 -0.91 -15.09 12.47
CA LYS C 5 -0.28 -13.81 12.19
C LYS C 5 1.04 -14.01 11.47
N SER C 6 1.27 -13.21 10.44
CA SER C 6 2.56 -13.22 9.76
C SER C 6 3.63 -12.65 10.68
N GLU C 7 4.80 -13.29 10.67
CA GLU C 7 5.90 -12.84 11.51
C GLU C 7 6.20 -11.37 11.29
N ILE C 8 6.01 -10.91 10.06
CA ILE C 8 6.25 -9.50 9.75
C ILE C 8 5.29 -8.63 10.56
N SER C 9 4.02 -9.02 10.57
CA SER C 9 3.02 -8.26 11.33
C SER C 9 3.31 -8.30 12.81
N GLN C 10 3.69 -9.46 13.35
CA GLN C 10 4.06 -9.54 14.76
C GLN C 10 5.12 -8.52 15.11
N VAL C 11 6.22 -8.51 14.33
CA VAL C 11 7.30 -7.55 14.55
C VAL C 11 6.76 -6.13 14.59
N PHE C 12 5.91 -5.78 13.62
CA PHE C 12 5.45 -4.40 13.50
C PHE C 12 4.69 -3.96 14.74
N GLU C 13 3.93 -4.87 15.36
CA GLU C 13 3.10 -4.52 16.50
C GLU C 13 3.87 -4.54 17.81
N ILE C 14 4.76 -5.51 18.00
CA ILE C 14 5.67 -5.48 19.14
C ILE C 14 6.38 -4.14 19.19
N ALA C 15 6.77 -3.62 18.02
CA ALA C 15 7.56 -2.39 17.97
C ALA C 15 6.70 -1.15 18.21
N LEU C 16 5.40 -1.22 17.92
CA LEU C 16 4.52 -0.12 18.28
C LEU C 16 4.28 -0.08 19.77
N LYS C 17 4.15 -1.26 20.40
CA LYS C 17 3.97 -1.34 21.84
C LYS C 17 5.14 -0.75 22.62
N ARG C 18 6.31 -0.57 21.98
CA ARG C 18 7.51 -0.14 22.68
C ARG C 18 8.18 1.06 22.03
N ASN C 19 7.53 1.71 21.07
CA ASN C 19 8.07 2.90 20.42
C ASN C 19 9.49 2.66 19.90
N LEU C 20 9.77 1.42 19.46
CA LEU C 20 11.05 1.12 18.83
C LEU C 20 10.99 1.45 17.33
N PRO C 21 12.04 2.02 16.77
CA PRO C 21 12.01 2.30 15.32
C PRO C 21 12.27 1.04 14.52
N VAL C 22 11.51 0.89 13.43
CA VAL C 22 11.56 -0.30 12.59
C VAL C 22 11.94 0.11 11.18
N ASN C 23 12.76 -0.74 10.52
CA ASN C 23 13.20 -0.46 9.15
C ASN C 23 13.61 -1.78 8.51
N PHE C 24 12.72 -2.31 7.66
CA PHE C 24 13.08 -3.40 6.76
C PHE C 24 13.75 -2.84 5.51
N GLU C 25 14.81 -3.49 5.06
CA GLU C 25 15.46 -3.10 3.82
C GLU C 25 16.02 -4.34 3.12
N VAL C 26 15.91 -4.38 1.80
CA VAL C 26 16.51 -5.43 1.00
C VAL C 26 17.98 -5.08 0.82
N ALA C 27 18.87 -5.89 1.42
CA ALA C 27 20.29 -5.63 1.31
C ALA C 27 20.75 -5.68 -0.14
N ARG C 28 20.57 -6.84 -0.79
CA ARG C 28 21.09 -7.00 -2.15
C ARG C 28 20.35 -8.13 -2.85
N GLU C 29 20.67 -8.27 -4.13
CA GLU C 29 20.14 -9.34 -4.98
C GLU C 29 21.31 -10.05 -5.65
N SER C 30 21.13 -11.34 -5.90
CA SER C 30 22.17 -12.15 -6.53
C SER C 30 21.58 -13.01 -7.64
N GLY C 31 22.47 -13.53 -8.48
CA GLY C 31 22.12 -14.54 -9.44
C GLY C 31 21.47 -13.98 -10.68
N PRO C 32 21.24 -14.83 -11.66
CA PRO C 32 20.54 -14.40 -12.88
C PRO C 32 19.07 -14.15 -12.56
N PRO C 33 18.36 -13.46 -13.46
CA PRO C 33 16.95 -13.14 -13.17
C PRO C 33 16.08 -14.36 -12.93
N HIS C 34 16.34 -15.50 -13.58
CA HIS C 34 15.51 -16.68 -13.39
C HIS C 34 15.93 -17.51 -12.18
N MET C 35 16.91 -17.05 -11.41
CA MET C 35 17.31 -17.72 -10.18
C MET C 35 17.84 -16.67 -9.19
N LYS C 36 17.05 -15.64 -8.93
CA LYS C 36 17.49 -14.59 -8.02
C LYS C 36 17.48 -15.10 -6.59
N ASN C 37 18.30 -14.46 -5.75
CA ASN C 37 18.33 -14.72 -4.32
C ASN C 37 18.38 -13.38 -3.60
N PHE C 38 17.39 -13.13 -2.77
CA PHE C 38 17.25 -11.86 -2.07
C PHE C 38 17.64 -12.01 -0.61
N VAL C 39 18.05 -10.90 -0.02
CA VAL C 39 18.44 -10.83 1.39
C VAL C 39 17.88 -9.55 1.98
N THR C 40 17.13 -9.68 3.06
CA THR C 40 16.58 -8.53 3.78
C THR C 40 17.20 -8.49 5.17
N LYS C 41 17.74 -7.32 5.53
CA LYS C 41 18.21 -7.05 6.87
C LYS C 41 17.27 -6.03 7.50
N VAL C 42 16.92 -6.27 8.77
CA VAL C 42 15.96 -5.43 9.47
C VAL C 42 16.49 -5.11 10.86
N SER C 43 16.24 -3.89 11.32
CA SER C 43 16.60 -3.45 12.66
C SER C 43 15.34 -3.05 13.41
N VAL C 44 15.19 -3.58 14.62
CA VAL C 44 14.14 -3.16 15.53
C VAL C 44 14.80 -2.46 16.70
N GLY C 45 14.96 -1.15 16.61
CA GLY C 45 15.78 -0.41 17.55
C GLY C 45 17.22 -0.87 17.49
N GLU C 46 17.63 -1.69 18.45
CA GLU C 46 19.00 -2.18 18.51
C GLU C 46 19.15 -3.62 18.03
N PHE C 47 18.06 -4.35 17.91
CA PHE C 47 18.11 -5.76 17.52
C PHE C 47 18.11 -5.87 16.00
N VAL C 48 18.65 -6.98 15.50
CA VAL C 48 18.84 -7.16 14.06
C VAL C 48 18.57 -8.60 13.68
N GLY C 49 18.00 -8.79 12.49
CA GLY C 49 17.92 -10.09 11.87
C GLY C 49 18.07 -9.96 10.37
N GLU C 50 18.40 -11.09 9.74
CA GLU C 50 18.56 -11.13 8.29
C GLU C 50 18.02 -12.45 7.77
N GLY C 51 17.44 -12.40 6.57
CA GLY C 51 16.88 -13.59 5.95
C GLY C 51 17.20 -13.61 4.47
N GLU C 52 17.12 -14.81 3.89
CA GLU C 52 17.35 -15.01 2.47
C GLU C 52 16.18 -15.79 1.89
N GLY C 53 16.00 -15.69 0.58
CA GLY C 53 14.91 -16.39 -0.07
C GLY C 53 14.94 -16.16 -1.57
N LYS C 54 14.24 -17.06 -2.28
CA LYS C 54 14.10 -16.95 -3.72
C LYS C 54 13.24 -15.77 -4.14
N SER C 55 12.60 -15.08 -3.19
CA SER C 55 11.74 -13.95 -3.49
C SER C 55 11.88 -12.92 -2.38
N LYS C 56 11.43 -11.69 -2.67
CA LYS C 56 11.49 -10.64 -1.67
C LYS C 56 10.58 -10.95 -0.48
N LYS C 57 9.36 -11.42 -0.75
CA LYS C 57 8.45 -11.79 0.32
C LYS C 57 9.13 -12.74 1.31
N ILE C 58 9.69 -13.84 0.79
CA ILE C 58 10.27 -14.87 1.65
C ILE C 58 11.39 -14.27 2.51
N SER C 59 12.41 -13.70 1.87
CA SER C 59 13.54 -13.17 2.60
C SER C 59 13.09 -12.23 3.71
N LYS C 60 12.09 -11.39 3.42
CA LYS C 60 11.54 -10.51 4.45
C LYS C 60 11.01 -11.32 5.63
N LYS C 61 10.19 -12.34 5.35
CA LYS C 61 9.67 -13.20 6.41
C LYS C 61 10.81 -13.78 7.24
N ASN C 62 11.78 -14.42 6.57
CA ASN C 62 12.88 -15.03 7.31
C ASN C 62 13.62 -14.00 8.16
N ALA C 63 13.70 -12.76 7.69
CA ALA C 63 14.29 -11.69 8.50
C ALA C 63 13.44 -11.41 9.72
N ALA C 64 12.13 -11.31 9.54
CA ALA C 64 11.22 -11.12 10.67
C ALA C 64 11.41 -12.21 11.70
N ILE C 65 11.45 -13.48 11.26
CA ILE C 65 11.67 -14.59 12.17
C ILE C 65 12.93 -14.37 12.98
N ALA C 66 14.05 -14.12 12.30
CA ALA C 66 15.33 -14.01 12.97
C ALA C 66 15.30 -12.97 14.10
N VAL C 67 14.50 -11.92 13.94
CA VAL C 67 14.43 -10.89 14.98
C VAL C 67 13.51 -11.34 16.11
N LEU C 68 12.42 -12.04 15.78
CA LEU C 68 11.52 -12.51 16.83
C LEU C 68 12.26 -13.37 17.85
N GLU C 69 13.28 -14.12 17.41
CA GLU C 69 14.06 -14.90 18.34
C GLU C 69 14.82 -14.00 19.32
N GLU C 70 15.30 -12.86 18.85
CA GLU C 70 16.07 -11.94 19.69
C GLU C 70 15.19 -10.90 20.39
N LEU C 71 13.88 -10.91 20.16
CA LEU C 71 12.95 -10.05 20.89
C LEU C 71 12.19 -10.81 21.97
N LYS C 72 12.36 -12.13 22.06
CA LYS C 72 11.72 -12.92 23.10
C LYS C 72 12.42 -12.78 24.45
N LYS C 73 13.45 -11.94 24.55
CA LYS C 73 14.25 -11.84 25.77
C LYS C 73 13.94 -10.58 26.59
N LEU C 74 13.24 -9.60 26.02
CA LEU C 74 12.98 -8.37 26.75
C LEU C 74 11.90 -8.58 27.81
N PRO C 75 11.82 -7.66 28.79
CA PRO C 75 10.76 -7.79 29.79
C PRO C 75 9.40 -7.44 29.22
N PRO C 76 8.31 -8.05 29.73
CA PRO C 76 6.97 -7.62 29.30
C PRO C 76 6.55 -6.29 29.91
N LEU C 77 5.26 -5.97 29.82
CA LEU C 77 4.73 -4.72 30.36
C LEU C 77 4.96 -4.63 31.87
N HIS D 2 -9.03 -20.70 -4.85
CA HIS D 2 -9.66 -20.68 -6.17
C HIS D 2 -10.93 -19.82 -6.11
N MET D 3 -10.74 -18.51 -6.10
CA MET D 3 -11.81 -17.56 -5.82
C MET D 3 -12.40 -16.99 -7.12
N ASN D 4 -13.58 -16.38 -6.98
CA ASN D 4 -14.31 -15.84 -8.12
C ASN D 4 -13.80 -14.46 -8.51
N LYS D 5 -14.05 -14.10 -9.76
CA LYS D 5 -13.73 -12.77 -10.25
C LYS D 5 -14.82 -11.79 -9.82
N SER D 6 -14.40 -10.71 -9.17
CA SER D 6 -15.32 -9.66 -8.79
C SER D 6 -15.69 -8.81 -9.99
N GLU D 7 -16.91 -8.27 -9.96
CA GLU D 7 -17.38 -7.42 -11.05
C GLU D 7 -16.42 -6.25 -11.26
N ILE D 8 -15.83 -5.75 -10.18
CA ILE D 8 -14.91 -4.62 -10.27
C ILE D 8 -13.65 -5.06 -11.01
N SER D 9 -13.10 -6.21 -10.61
CA SER D 9 -11.95 -6.76 -11.31
C SER D 9 -12.27 -7.03 -12.77
N GLN D 10 -13.48 -7.52 -13.06
CA GLN D 10 -13.85 -7.85 -14.44
C GLN D 10 -13.70 -6.63 -15.34
N VAL D 11 -14.27 -5.50 -14.92
CA VAL D 11 -14.27 -4.31 -15.77
C VAL D 11 -12.86 -4.02 -16.28
N PHE D 12 -11.87 -4.06 -15.39
CA PHE D 12 -10.50 -3.73 -15.79
C PHE D 12 -10.01 -4.66 -16.88
N GLU D 13 -10.30 -5.96 -16.76
CA GLU D 13 -9.86 -6.90 -17.78
C GLU D 13 -10.53 -6.61 -19.12
N ILE D 14 -11.84 -6.37 -19.12
CA ILE D 14 -12.55 -6.07 -20.36
C ILE D 14 -11.99 -4.79 -20.97
N ALA D 15 -11.83 -3.75 -20.16
CA ALA D 15 -11.37 -2.46 -20.67
C ALA D 15 -9.97 -2.58 -21.24
N LEU D 16 -9.09 -3.36 -20.60
CA LEU D 16 -7.73 -3.50 -21.10
C LEU D 16 -7.70 -4.17 -22.47
N LYS D 17 -8.54 -5.20 -22.66
CA LYS D 17 -8.59 -5.87 -23.95
C LYS D 17 -9.05 -4.93 -25.06
N ARG D 18 -9.97 -4.03 -24.73
CA ARG D 18 -10.52 -3.07 -25.70
C ARG D 18 -9.89 -1.70 -25.60
N ASN D 19 -8.80 -1.57 -24.84
CA ASN D 19 -8.04 -0.32 -24.76
C ASN D 19 -8.94 0.87 -24.46
N LEU D 20 -9.73 0.73 -23.38
CA LEU D 20 -10.60 1.81 -22.96
C LEU D 20 -10.19 2.36 -21.60
N PRO D 21 -10.19 3.68 -21.42
CA PRO D 21 -9.81 4.24 -20.12
C PRO D 21 -10.86 3.96 -19.06
N VAL D 22 -10.39 3.80 -17.82
CA VAL D 22 -11.25 3.47 -16.70
C VAL D 22 -10.99 4.47 -15.58
N ASN D 23 -12.06 4.93 -14.93
CA ASN D 23 -11.92 5.74 -13.73
C ASN D 23 -13.14 5.53 -12.84
N PHE D 24 -12.92 4.91 -11.69
CA PHE D 24 -13.89 4.96 -10.60
C PHE D 24 -13.60 6.18 -9.75
N GLU D 25 -14.66 6.89 -9.35
CA GLU D 25 -14.52 8.01 -8.44
C GLU D 25 -15.74 8.09 -7.55
N VAL D 26 -15.53 8.41 -6.28
CA VAL D 26 -16.62 8.56 -5.31
C VAL D 26 -17.24 9.93 -5.53
N ALA D 27 -18.49 9.95 -5.98
CA ALA D 27 -19.18 11.22 -6.24
C ALA D 27 -19.34 12.02 -4.96
N ARG D 28 -19.90 11.42 -3.93
CA ARG D 28 -20.07 12.12 -2.67
C ARG D 28 -20.67 11.17 -1.64
N GLU D 29 -20.67 11.62 -0.40
CA GLU D 29 -21.39 10.98 0.70
C GLU D 29 -22.63 11.82 0.98
N SER D 30 -23.77 11.17 1.12
CA SER D 30 -25.03 11.89 1.26
C SER D 30 -25.87 11.30 2.38
N GLY D 31 -26.52 12.19 3.13
CA GLY D 31 -27.43 11.79 4.17
C GLY D 31 -26.96 12.24 5.53
N PRO D 32 -27.71 11.87 6.57
CA PRO D 32 -27.31 12.23 7.94
C PRO D 32 -26.07 11.45 8.35
N PRO D 33 -25.31 12.03 9.28
CA PRO D 33 -24.08 11.42 9.76
C PRO D 33 -24.23 9.84 9.97
N HIS D 34 -25.32 9.39 10.64
CA HIS D 34 -25.54 7.92 10.89
C HIS D 34 -25.92 7.13 9.55
N MET D 35 -26.87 7.66 8.74
CA MET D 35 -27.37 7.01 7.47
C MET D 35 -26.60 7.45 6.24
N LYS D 36 -25.35 7.87 6.39
CA LYS D 36 -24.60 8.32 5.23
C LYS D 36 -24.50 7.21 4.20
N ASN D 37 -24.77 7.55 2.94
CA ASN D 37 -24.71 6.63 1.82
C ASN D 37 -23.70 7.13 0.80
N PHE D 38 -22.87 6.23 0.31
CA PHE D 38 -21.82 6.56 -0.65
C PHE D 38 -22.31 6.28 -2.07
N VAL D 39 -22.03 7.22 -2.97
CA VAL D 39 -22.31 7.06 -4.38
C VAL D 39 -21.01 7.19 -5.14
N THR D 40 -20.71 6.20 -5.97
CA THR D 40 -19.56 6.22 -6.85
C THR D 40 -20.03 5.96 -8.27
N LYS D 41 -19.46 6.69 -9.22
CA LYS D 41 -19.72 6.45 -10.63
C LYS D 41 -18.40 6.19 -11.35
N VAL D 42 -18.49 5.41 -12.41
CA VAL D 42 -17.33 4.95 -13.15
C VAL D 42 -17.56 5.26 -14.63
N SER D 43 -16.47 5.57 -15.32
CA SER D 43 -16.51 5.90 -16.75
C SER D 43 -15.53 4.99 -17.48
N VAL D 44 -16.07 4.12 -18.33
CA VAL D 44 -15.27 3.29 -19.22
C VAL D 44 -15.47 3.80 -20.64
N GLY D 45 -14.70 4.81 -21.02
CA GLY D 45 -14.88 5.41 -22.34
C GLY D 45 -16.22 6.11 -22.42
N GLU D 46 -17.01 5.76 -23.43
CA GLU D 46 -18.34 6.34 -23.61
C GLU D 46 -19.38 5.73 -22.68
N PHE D 47 -19.09 4.56 -22.10
CA PHE D 47 -20.03 3.89 -21.21
C PHE D 47 -19.88 4.44 -19.80
N VAL D 48 -20.99 4.38 -19.05
CA VAL D 48 -21.05 5.00 -17.73
C VAL D 48 -22.03 4.23 -16.87
N GLY D 49 -21.68 4.08 -15.60
CA GLY D 49 -22.56 3.44 -14.64
C GLY D 49 -22.33 4.01 -13.26
N GLU D 50 -23.40 4.01 -12.46
CA GLU D 50 -23.37 4.51 -11.10
C GLU D 50 -23.77 3.40 -10.14
N GLY D 51 -23.43 3.59 -8.86
CA GLY D 51 -23.74 2.62 -7.84
C GLY D 51 -23.75 3.25 -6.48
N GLU D 52 -24.53 2.66 -5.57
CA GLU D 52 -24.80 3.24 -4.27
C GLU D 52 -24.71 2.16 -3.20
N GLY D 53 -24.23 2.55 -2.02
CA GLY D 53 -24.06 1.60 -0.93
C GLY D 53 -23.78 2.31 0.37
N LYS D 54 -24.02 1.58 1.47
CA LYS D 54 -23.73 2.10 2.79
C LYS D 54 -22.24 2.07 3.13
N SER D 55 -21.43 1.43 2.28
CA SER D 55 -19.98 1.51 2.37
C SER D 55 -19.42 1.82 0.99
N LYS D 56 -18.21 2.37 0.97
CA LYS D 56 -17.55 2.68 -0.30
C LYS D 56 -17.42 1.43 -1.16
N LYS D 57 -16.83 0.36 -0.62
CA LYS D 57 -16.58 -0.84 -1.40
C LYS D 57 -17.87 -1.38 -2.01
N ILE D 58 -18.97 -1.34 -1.27
CA ILE D 58 -20.25 -1.80 -1.79
C ILE D 58 -20.65 -0.96 -3.01
N SER D 59 -20.71 0.35 -2.84
CA SER D 59 -21.16 1.21 -3.92
C SER D 59 -20.27 1.08 -5.15
N LYS D 60 -18.97 0.93 -4.94
CA LYS D 60 -18.07 0.66 -6.06
C LYS D 60 -18.48 -0.60 -6.80
N LYS D 61 -18.73 -1.69 -6.04
CA LYS D 61 -19.18 -2.93 -6.65
C LYS D 61 -20.39 -2.70 -7.53
N ASN D 62 -21.39 -1.97 -7.02
CA ASN D 62 -22.61 -1.74 -7.78
C ASN D 62 -22.34 -0.93 -9.03
N ALA D 63 -21.56 0.15 -8.91
CA ALA D 63 -21.16 0.90 -10.10
C ALA D 63 -20.55 -0.02 -11.14
N ALA D 64 -19.69 -0.95 -10.71
CA ALA D 64 -19.12 -1.92 -11.64
C ALA D 64 -20.22 -2.76 -12.30
N ILE D 65 -21.23 -3.16 -11.53
CA ILE D 65 -22.32 -3.95 -12.10
C ILE D 65 -23.05 -3.15 -13.17
N ALA D 66 -23.24 -1.86 -12.95
CA ALA D 66 -24.00 -1.04 -13.88
C ALA D 66 -23.34 -0.99 -15.24
N VAL D 67 -22.05 -0.65 -15.29
CA VAL D 67 -21.33 -0.64 -16.57
C VAL D 67 -21.26 -2.03 -17.16
N LEU D 68 -21.14 -3.05 -16.31
CA LEU D 68 -20.94 -4.40 -16.81
C LEU D 68 -22.11 -4.84 -17.69
N GLU D 69 -23.32 -4.41 -17.35
CA GLU D 69 -24.47 -4.74 -18.19
C GLU D 69 -24.34 -4.10 -19.57
N GLU D 70 -23.93 -2.83 -19.62
CA GLU D 70 -23.76 -2.16 -20.90
C GLU D 70 -22.65 -2.78 -21.72
N LEU D 71 -21.60 -3.29 -21.08
CA LEU D 71 -20.50 -3.91 -21.80
C LEU D 71 -20.81 -5.33 -22.22
N LYS D 72 -21.99 -5.84 -21.90
CA LYS D 72 -22.50 -7.07 -22.50
C LYS D 72 -23.28 -6.79 -23.78
N LYS D 73 -23.56 -5.53 -24.08
CA LYS D 73 -24.29 -5.14 -25.27
C LYS D 73 -23.38 -4.90 -26.47
N LEU D 74 -22.13 -5.32 -26.41
CA LEU D 74 -21.16 -4.97 -27.45
C LEU D 74 -20.72 -6.21 -28.25
N PRO D 75 -20.11 -5.98 -29.41
CA PRO D 75 -19.66 -7.12 -30.25
C PRO D 75 -18.38 -7.73 -29.70
N PRO D 76 -18.34 -9.07 -29.53
CA PRO D 76 -17.12 -9.69 -28.98
C PRO D 76 -16.02 -9.99 -30.00
N LEU D 77 -15.91 -9.21 -31.07
CA LEU D 77 -14.92 -9.49 -32.10
C LEU D 77 -13.50 -9.43 -31.54
N GLY E 106 8.19 5.19 16.49
CA GLY E 106 7.92 3.81 16.81
C GLY E 106 6.77 3.21 16.00
N ILE E 107 5.91 4.09 15.49
CA ILE E 107 4.90 3.68 14.54
C ILE E 107 5.54 3.52 13.17
N ASN E 108 4.72 3.18 12.17
CA ASN E 108 5.31 3.05 10.85
C ASN E 108 5.39 4.43 10.19
N PRO E 109 6.46 4.69 9.44
CA PRO E 109 6.80 6.08 9.07
C PRO E 109 5.67 6.89 8.44
N ILE E 110 4.78 6.27 7.69
CA ILE E 110 3.80 7.02 6.91
C ILE E 110 2.54 7.32 7.72
N SER E 111 2.19 6.48 8.70
CA SER E 111 1.13 6.83 9.62
C SER E 111 1.58 7.90 10.61
N ARG E 112 2.86 7.89 10.98
CA ARG E 112 3.38 8.88 11.91
C ARG E 112 3.29 10.29 11.32
N LEU E 113 3.54 10.43 10.03
CA LEU E 113 3.35 11.72 9.37
C LEU E 113 1.88 12.13 9.41
N ALA E 114 0.98 11.18 9.14
CA ALA E 114 -0.45 11.47 9.18
C ALA E 114 -0.88 11.85 10.60
N GLN E 115 -0.39 11.14 11.61
CA GLN E 115 -0.74 11.39 13.00
C GLN E 115 0.17 12.42 13.67
N ILE E 116 1.08 13.03 12.91
CA ILE E 116 1.89 14.13 13.42
C ILE E 116 1.45 15.49 12.89
N GLN E 117 0.81 15.54 11.72
CA GLN E 117 0.25 16.76 11.19
C GLN E 117 -1.21 16.96 11.58
N GLN E 118 -1.67 16.23 12.60
CA GLN E 118 -3.02 16.43 13.14
C GLN E 118 -3.06 17.52 14.19
N ALA E 119 -1.92 18.13 14.52
CA ALA E 119 -1.94 19.34 15.32
C ALA E 119 -2.66 20.46 14.58
N LYS E 120 -2.25 20.73 13.34
CA LYS E 120 -2.89 21.72 12.49
C LYS E 120 -3.98 21.07 11.64
N GLU E 124 -3.06 16.20 7.57
CA GLU E 124 -3.49 15.75 6.24
C GLU E 124 -2.39 16.03 5.21
N PRO E 125 -1.45 15.09 5.06
CA PRO E 125 -0.36 15.27 4.09
C PRO E 125 -0.75 14.81 2.70
N GLU E 126 -0.13 15.44 1.70
CA GLU E 126 -0.51 15.28 0.29
C GLU E 126 0.65 14.71 -0.50
N TYR E 127 0.36 13.74 -1.37
CA TYR E 127 1.36 13.02 -2.14
C TYR E 127 1.08 13.12 -3.63
N THR E 128 2.15 13.11 -4.41
CA THR E 128 2.07 13.06 -5.86
C THR E 128 3.25 12.26 -6.39
N LEU E 129 3.16 11.84 -7.64
CA LEU E 129 4.10 10.89 -8.23
C LEU E 129 4.83 11.55 -9.39
N LEU E 130 6.15 11.36 -9.45
CA LEU E 130 7.02 12.00 -10.42
C LEU E 130 7.55 10.97 -11.42
N THR E 131 8.20 11.47 -12.46
CA THR E 131 8.80 10.62 -13.48
C THR E 131 10.02 9.88 -12.93
N PRO E 136 16.51 3.14 -16.77
CA PRO E 136 17.72 2.30 -16.80
C PRO E 136 17.39 0.82 -16.80
N ARG E 137 18.42 -0.03 -16.65
CA ARG E 137 18.17 -1.44 -16.39
C ARG E 137 17.61 -1.66 -14.99
N ARG E 138 17.87 -0.72 -14.08
CA ARG E 138 17.26 -0.70 -12.74
C ARG E 138 16.48 0.62 -12.64
N ARG E 139 15.24 0.60 -13.12
CA ARG E 139 14.38 1.77 -13.09
C ARG E 139 13.82 1.97 -11.68
N GLU E 140 13.34 3.19 -11.42
CA GLU E 140 12.95 3.58 -10.07
C GLU E 140 11.69 4.43 -10.08
N PHE E 141 11.05 4.48 -8.91
CA PHE E 141 9.90 5.33 -8.63
C PHE E 141 10.34 6.48 -7.72
N VAL E 142 9.65 7.62 -7.83
CA VAL E 142 9.95 8.78 -7.02
C VAL E 142 8.64 9.48 -6.64
N MET E 143 8.38 9.62 -5.34
CA MET E 143 7.14 10.18 -4.83
C MET E 143 7.45 11.36 -3.91
N GLN E 144 6.58 12.37 -3.95
CA GLN E 144 6.79 13.63 -3.25
C GLN E 144 5.77 13.81 -2.14
N VAL E 145 6.15 14.62 -1.15
CA VAL E 145 5.33 14.92 0.01
C VAL E 145 5.03 16.42 0.02
N LYS E 146 3.77 16.77 0.31
CA LYS E 146 3.33 18.16 0.38
C LYS E 146 2.59 18.38 1.69
N VAL E 147 3.30 18.88 2.71
CA VAL E 147 2.70 19.20 4.00
C VAL E 147 2.52 20.70 4.17
N GLY E 148 2.65 21.47 3.09
CA GLY E 148 2.51 22.91 3.18
C GLY E 148 3.80 23.61 3.55
N ASN E 149 4.31 23.31 4.75
CA ASN E 149 5.54 23.95 5.22
C ASN E 149 6.68 23.73 4.23
N HIS E 150 6.93 22.47 3.86
CA HIS E 150 8.00 22.14 2.94
C HIS E 150 7.58 20.94 2.10
N THR E 151 8.45 20.55 1.16
CA THR E 151 8.20 19.44 0.26
C THR E 151 9.41 18.52 0.25
N ALA E 152 9.15 17.21 0.30
CA ALA E 152 10.20 16.20 0.34
C ALA E 152 10.01 15.20 -0.79
N GLU E 153 11.10 14.50 -1.12
CA GLU E 153 11.13 13.48 -2.14
C GLU E 153 11.52 12.14 -1.53
N GLY E 154 11.41 11.08 -2.34
CA GLY E 154 11.76 9.74 -1.91
C GLY E 154 11.76 8.74 -3.05
N THR E 155 12.72 7.82 -3.05
CA THR E 155 12.89 6.88 -4.15
C THR E 155 12.96 5.45 -3.62
N GLY E 156 12.63 4.51 -4.49
CA GLY E 156 12.67 3.10 -4.12
C GLY E 156 12.45 2.20 -5.32
N THR E 157 12.65 0.90 -5.08
CA THR E 157 12.55 -0.09 -6.15
C THR E 157 11.11 -0.35 -6.55
N ASN E 158 10.15 -0.12 -5.66
CA ASN E 158 8.73 -0.21 -5.97
C ASN E 158 8.02 1.05 -5.46
N LYS E 159 6.72 1.13 -5.71
CA LYS E 159 5.94 2.28 -5.24
C LYS E 159 5.85 2.29 -3.71
N LYS E 160 5.88 1.11 -3.09
CA LYS E 160 5.60 1.01 -1.66
C LYS E 160 6.73 1.58 -0.82
N VAL E 161 7.98 1.22 -1.13
CA VAL E 161 9.11 1.76 -0.39
C VAL E 161 9.42 3.20 -0.81
N ALA E 162 8.94 3.64 -1.97
CA ALA E 162 9.13 5.04 -2.37
C ALA E 162 8.26 5.98 -1.55
N LYS E 163 7.14 5.50 -1.01
CA LYS E 163 6.26 6.32 -0.19
C LYS E 163 6.61 6.23 1.30
N ARG E 164 7.36 5.20 1.70
CA ARG E 164 7.87 5.13 3.07
C ARG E 164 9.15 5.96 3.21
N ASN E 165 9.99 5.97 2.18
CA ASN E 165 11.15 6.84 2.17
C ASN E 165 10.73 8.30 2.09
N ALA E 166 9.71 8.60 1.28
CA ALA E 166 9.22 9.97 1.19
C ALA E 166 8.70 10.47 2.53
N ALA E 167 8.07 9.57 3.31
CA ALA E 167 7.59 9.94 4.63
C ALA E 167 8.75 10.17 5.59
N GLU E 168 9.58 9.15 5.79
CA GLU E 168 10.68 9.24 6.74
C GLU E 168 11.71 10.30 6.36
N ASN E 169 11.58 10.92 5.18
CA ASN E 169 12.41 12.06 4.83
C ASN E 169 11.80 13.39 5.23
N MET E 170 10.48 13.41 5.49
CA MET E 170 9.83 14.59 6.04
C MET E 170 9.66 14.53 7.54
N LEU E 171 9.71 13.34 8.14
CA LEU E 171 9.89 13.23 9.58
C LEU E 171 11.33 13.56 10.00
N GLU E 172 12.26 13.52 9.05
CA GLU E 172 13.62 13.96 9.29
C GLU E 172 13.76 15.47 9.09
N ILE E 173 12.94 16.06 8.22
CA ILE E 173 12.92 17.51 8.05
C ILE E 173 12.13 18.22 9.15
N LEU E 174 11.37 17.48 9.95
CA LEU E 174 10.70 18.02 11.12
C LEU E 174 11.40 17.68 12.42
N GLY E 175 12.39 16.78 12.39
CA GLY E 175 13.22 16.51 13.54
C GLY E 175 12.58 15.60 14.57
N PHE E 176 12.16 14.42 14.16
CA PHE E 176 11.55 13.44 15.06
C PHE E 176 12.39 12.20 15.29
N LYS E 177 13.02 11.67 14.24
CA LYS E 177 13.88 10.50 14.36
C LYS E 177 15.28 10.79 13.85
#